data_2DWA
#
_entry.id   2DWA
#
_cell.length_a   63.365
_cell.length_b   50.383
_cell.length_c   65.814
_cell.angle_alpha   90.00
_cell.angle_beta   107.72
_cell.angle_gamma   90.00
#
_symmetry.space_group_name_H-M   'P 1 21 1'
#
loop_
_entity.id
_entity.type
_entity.pdbx_description
1 polymer Lactotransferrin
2 branched beta-D-mannopyranose-(1-4)-[alpha-D-mannopyranose-(1-6)]alpha-D-mannopyranose-(1-4)-2-acetamido-2-deoxy-beta-D-glucopyranose-(1-4)-2-acetamido-2-deoxy-beta-D-glucopyranose
3 branched 2-acetamido-2-deoxy-beta-D-glucopyranose-(1-4)-2-acetamido-2-deoxy-beta-D-glucopyranose
4 branched beta-D-mannopyranose-(1-4)-alpha-D-mannopyranose-(1-4)-beta-D-mannopyranose-(1-4)-beta-D-mannopyranose-(1-4)-2-acetamido-2-deoxy-beta-D-glucopyranose-(1-4)-2-acetamido-2-deoxy-beta-D-glucopyranose
5 non-polymer alpha-L-fucopyranose
6 non-polymer 'FE (III) ION'
7 non-polymer 'CARBONATE ION'
8 non-polymer 'ZINC ION'
9 non-polymer 'SULFATE ION'
10 water water
#
_entity_poly.entity_id   1
_entity_poly.type   'polypeptide(L)'
_entity_poly.pdbx_seq_one_letter_code
;YTRVVWCAVGPEEQKKCQQWSQQSGQNVTCATASTTDDCIVLVLKGEADALNLDGGYIYTAGKCGLVPVLAENRKSSKHS
SLDCVLRPTEGYLAVAVVKKANEGLTWNSLKDKKSCHTAVDRTAGWNIPMGLIVNQTGSCAFDEFFSQSCAPGADPKSRL
CALCAGDDQGLDKCVPNSKEKYYGYTGAFRCLAEDVGDVAFVKNDTVWENTNGESTADWAKNLKREDFRLLCLDGTRKPV
TEAQSCHLAVAPNHAVVSRSDRAAHVEQVLLHQQALFGKNGKNCPDKFCLFKSETKNLLFNDNTECLAKLGGRPTYEEYL
GTEYVTAIANLKKCSTSPLLEACAF
;
_entity_poly.pdbx_strand_id   A
#
loop_
_chem_comp.id
_chem_comp.type
_chem_comp.name
_chem_comp.formula
BMA D-saccharide, beta linking beta-D-mannopyranose 'C6 H12 O6'
CO3 non-polymer 'CARBONATE ION' 'C O3 -2'
FE non-polymer 'FE (III) ION' 'Fe 3'
FUC L-saccharide, alpha linking alpha-L-fucopyranose 'C6 H12 O5'
MAN D-saccharide, alpha linking alpha-D-mannopyranose 'C6 H12 O6'
NAG D-saccharide, beta linking 2-acetamido-2-deoxy-beta-D-glucopyranose 'C8 H15 N O6'
SO4 non-polymer 'SULFATE ION' 'O4 S -2'
ZN non-polymer 'ZINC ION' 'Zn 2'
#
# COMPACT_ATOMS: atom_id res chain seq x y z
N TYR A 1 6.64 -26.45 14.68
CA TYR A 1 7.13 -25.38 13.77
C TYR A 1 6.60 -24.02 14.24
N THR A 2 5.74 -24.06 15.27
CA THR A 2 4.66 -23.10 15.51
C THR A 2 4.97 -21.62 15.82
N ARG A 3 6.17 -21.17 15.45
CA ARG A 3 6.59 -19.78 15.66
C ARG A 3 6.87 -19.09 14.31
N VAL A 4 6.29 -17.91 14.13
CA VAL A 4 6.42 -17.14 12.88
C VAL A 4 7.25 -15.87 13.10
N VAL A 5 8.22 -15.61 12.24
CA VAL A 5 8.98 -14.36 12.28
C VAL A 5 8.41 -13.38 11.27
N TRP A 6 7.82 -12.29 11.75
CA TRP A 6 7.25 -11.27 10.87
C TRP A 6 8.35 -10.32 10.43
N CYS A 7 8.28 -9.80 9.21
CA CYS A 7 9.27 -8.80 8.82
C CYS A 7 8.65 -7.40 8.84
N ALA A 8 9.21 -6.53 9.68
CA ALA A 8 8.78 -5.14 9.79
C ALA A 8 9.65 -4.21 8.94
N VAL A 9 9.03 -3.24 8.27
CA VAL A 9 9.76 -2.31 7.41
C VAL A 9 9.89 -0.97 8.14
N GLY A 10 11.11 -0.66 8.60
CA GLY A 10 11.39 0.57 9.32
C GLY A 10 11.06 0.51 10.80
N PRO A 11 11.48 1.54 11.57
CA PRO A 11 11.40 1.54 13.04
C PRO A 11 9.99 1.60 13.66
N GLU A 12 9.03 2.18 12.95
CA GLU A 12 7.67 2.30 13.47
C GLU A 12 6.92 0.98 13.37
N GLU A 13 7.10 0.27 12.26
CA GLU A 13 6.53 -1.08 12.16
C GLU A 13 7.22 -2.01 13.14
N GLN A 14 8.52 -1.81 13.35
CA GLN A 14 9.26 -2.62 14.32
C GLN A 14 8.64 -2.51 15.72
N LYS A 15 8.36 -1.29 16.15
CA LYS A 15 7.71 -1.02 17.42
C LYS A 15 6.35 -1.71 17.56
N LYS A 16 5.48 -1.58 16.55
CA LYS A 16 4.20 -2.30 16.55
C LYS A 16 4.39 -3.82 16.60
N CYS A 17 5.33 -4.33 15.82
CA CYS A 17 5.59 -5.76 15.81
C CYS A 17 6.02 -6.25 17.20
N GLN A 18 6.88 -5.47 17.87
N GLN A 18 6.89 -5.49 17.87
CA GLN A 18 7.36 -5.83 19.20
CA GLN A 18 7.35 -5.89 19.20
C GLN A 18 6.22 -5.98 20.22
C GLN A 18 6.20 -5.99 20.22
N GLN A 19 5.24 -5.09 20.13
CA GLN A 19 4.04 -5.16 20.95
C GLN A 19 3.23 -6.42 20.67
N TRP A 20 2.96 -6.66 19.39
CA TRP A 20 2.30 -7.87 18.93
C TRP A 20 3.07 -9.09 19.39
N SER A 21 4.40 -9.05 19.28
CA SER A 21 5.24 -10.16 19.72
C SER A 21 5.06 -10.45 21.21
N GLN A 22 5.17 -9.41 22.04
CA GLN A 22 4.91 -9.50 23.47
C GLN A 22 3.54 -10.11 23.79
N GLN A 23 2.47 -9.52 23.25
CA GLN A 23 1.09 -9.96 23.47
C GLN A 23 0.77 -11.37 22.98
N SER A 24 1.49 -11.83 21.95
CA SER A 24 1.28 -13.17 21.39
C SER A 24 2.10 -14.21 22.15
N GLY A 25 2.87 -13.76 23.13
CA GLY A 25 3.70 -14.64 23.93
C GLY A 25 4.80 -15.31 23.12
N GLN A 26 5.38 -14.53 22.21
CA GLN A 26 6.47 -15.00 21.34
C GLN A 26 5.99 -16.05 20.33
N ASN A 27 4.68 -16.16 20.13
CA ASN A 27 4.21 -16.95 19.00
C ASN A 27 4.59 -16.26 17.67
N VAL A 28 4.63 -14.93 17.69
CA VAL A 28 5.19 -14.14 16.60
C VAL A 28 6.41 -13.39 17.14
N THR A 29 7.50 -13.43 16.39
CA THR A 29 8.64 -12.57 16.71
C THR A 29 8.95 -11.70 15.49
N CYS A 30 9.94 -10.82 15.60
CA CYS A 30 10.12 -9.76 14.62
C CYS A 30 11.52 -9.68 14.06
N ALA A 31 11.62 -9.52 12.76
CA ALA A 31 12.85 -9.11 12.11
C ALA A 31 12.53 -7.75 11.51
N THR A 32 13.55 -6.92 11.29
CA THR A 32 13.35 -5.58 10.75
C THR A 32 14.34 -5.29 9.62
N ALA A 33 13.85 -4.62 8.58
CA ALA A 33 14.66 -4.18 7.45
C ALA A 33 14.26 -2.76 7.09
N SER A 34 15.12 -2.07 6.35
CA SER A 34 14.89 -0.66 6.03
C SER A 34 13.93 -0.51 4.86
N THR A 35 13.81 -1.56 4.04
CA THR A 35 12.94 -1.50 2.88
C THR A 35 12.20 -2.82 2.73
N THR A 36 11.15 -2.78 1.93
CA THR A 36 10.32 -3.94 1.66
C THR A 36 11.12 -4.98 0.89
N ASP A 37 11.93 -4.51 -0.06
CA ASP A 37 12.78 -5.41 -0.84
C ASP A 37 13.73 -6.18 0.07
N ASP A 38 14.32 -5.48 1.04
CA ASP A 38 15.15 -6.13 2.03
C ASP A 38 14.39 -7.14 2.88
N CYS A 39 13.13 -6.84 3.20
CA CYS A 39 12.32 -7.82 3.89
C CYS A 39 12.11 -9.07 3.04
N ILE A 40 11.86 -8.88 1.74
CA ILE A 40 11.65 -9.99 0.82
C ILE A 40 12.85 -10.93 0.76
N VAL A 41 14.04 -10.34 0.78
CA VAL A 41 15.30 -11.09 0.87
C VAL A 41 15.43 -11.86 2.19
N LEU A 42 15.08 -11.25 3.33
CA LEU A 42 15.06 -12.01 4.58
C LEU A 42 14.15 -13.24 4.49
N VAL A 43 12.97 -13.07 3.89
CA VAL A 43 12.05 -14.20 3.75
C VAL A 43 12.67 -15.31 2.89
N LEU A 44 13.29 -14.92 1.77
CA LEU A 44 13.96 -15.87 0.88
C LEU A 44 15.08 -16.64 1.58
N LYS A 45 15.87 -15.93 2.40
CA LYS A 45 16.94 -16.57 3.13
C LYS A 45 16.40 -17.51 4.21
N GLY A 46 15.15 -17.31 4.59
CA GLY A 46 14.52 -18.09 5.64
C GLY A 46 14.74 -17.47 7.01
N GLU A 47 15.20 -16.22 7.03
CA GLU A 47 15.45 -15.52 8.29
C GLU A 47 14.20 -14.81 8.81
N ALA A 48 13.23 -14.59 7.93
CA ALA A 48 11.90 -14.19 8.34
C ALA A 48 10.90 -15.09 7.59
N ASP A 49 9.68 -15.15 8.10
CA ASP A 49 8.64 -15.98 7.47
C ASP A 49 7.66 -15.25 6.55
N ALA A 50 7.28 -14.03 6.88
CA ALA A 50 6.11 -13.43 6.25
C ALA A 50 6.04 -11.92 6.42
N LEU A 51 5.34 -11.27 5.51
CA LEU A 51 4.98 -9.86 5.66
C LEU A 51 3.81 -9.61 4.72
N ASN A 52 3.11 -8.52 4.95
CA ASN A 52 1.97 -8.12 4.17
C ASN A 52 2.46 -7.13 3.11
N LEU A 53 2.12 -7.37 1.85
CA LEU A 53 2.67 -6.63 0.71
C LEU A 53 1.60 -6.02 -0.17
N ASP A 54 1.86 -4.82 -0.65
CA ASP A 54 1.08 -4.27 -1.74
C ASP A 54 1.26 -5.11 -3.01
N GLY A 55 0.27 -5.10 -3.89
CA GLY A 55 0.33 -5.83 -5.15
C GLY A 55 1.60 -5.73 -5.98
N GLY A 56 2.15 -4.53 -6.12
CA GLY A 56 3.39 -4.33 -6.86
C GLY A 56 4.56 -5.14 -6.31
N TYR A 57 4.61 -5.29 -5.00
CA TYR A 57 5.67 -6.08 -4.38
C TYR A 57 5.38 -7.57 -4.44
N ILE A 58 4.10 -7.93 -4.43
CA ILE A 58 3.73 -9.33 -4.62
C ILE A 58 4.26 -9.84 -5.96
N TYR A 59 4.26 -8.96 -6.97
CA TYR A 59 4.83 -9.29 -8.27
C TYR A 59 6.34 -9.61 -8.18
N THR A 60 7.09 -8.75 -7.51
CA THR A 60 8.52 -8.94 -7.22
C THR A 60 8.77 -10.24 -6.44
N ALA A 61 8.04 -10.40 -5.36
CA ALA A 61 8.17 -11.56 -4.50
C ALA A 61 7.81 -12.86 -5.24
N GLY A 62 6.78 -12.79 -6.07
CA GLY A 62 6.26 -13.96 -6.78
C GLY A 62 7.28 -14.49 -7.76
N LYS A 63 7.98 -13.60 -8.45
CA LYS A 63 9.05 -14.04 -9.34
C LYS A 63 10.18 -14.76 -8.60
N CYS A 64 10.31 -14.49 -7.30
CA CYS A 64 11.35 -15.14 -6.50
C CYS A 64 10.81 -16.37 -5.77
N GLY A 65 9.59 -16.76 -6.10
CA GLY A 65 8.99 -17.97 -5.53
C GLY A 65 8.13 -17.77 -4.30
N LEU A 66 7.93 -16.53 -3.84
CA LEU A 66 7.07 -16.36 -2.68
C LEU A 66 5.60 -16.46 -3.09
N VAL A 67 4.74 -16.89 -2.18
CA VAL A 67 3.34 -17.11 -2.51
C VAL A 67 2.39 -16.28 -1.64
N PRO A 68 1.25 -15.90 -2.22
CA PRO A 68 0.23 -15.24 -1.39
C PRO A 68 -0.45 -16.23 -0.45
N VAL A 69 -0.68 -15.83 0.79
CA VAL A 69 -1.17 -16.75 1.81
C VAL A 69 -2.59 -16.37 2.27
N LEU A 70 -2.80 -15.10 2.60
CA LEU A 70 -4.07 -14.60 3.10
C LEU A 70 -4.12 -13.15 2.63
N ALA A 71 -5.33 -12.66 2.36
CA ALA A 71 -5.50 -11.31 1.83
C ALA A 71 -6.20 -10.36 2.79
N GLU A 72 -5.79 -9.09 2.81
CA GLU A 72 -6.59 -8.08 3.49
C GLU A 72 -7.99 -8.04 2.88
N ASN A 73 -8.98 -7.97 3.75
CA ASN A 73 -10.37 -7.83 3.34
C ASN A 73 -10.94 -6.64 4.12
N ARG A 74 -11.51 -5.66 3.44
CA ARG A 74 -12.19 -4.58 4.17
C ARG A 74 -13.71 -4.77 4.19
N LYS A 75 -14.41 -3.86 4.87
CA LYS A 75 -15.87 -3.95 4.92
C LYS A 75 -16.51 -3.67 3.56
N SER A 76 -17.64 -4.31 3.30
CA SER A 76 -18.34 -4.11 2.05
C SER A 76 -19.85 -4.22 2.23
N SER A 77 -20.59 -3.58 1.32
CA SER A 77 -22.05 -3.69 1.29
C SER A 77 -22.49 -5.05 0.75
N LYS A 78 -21.85 -5.49 -0.35
CA LYS A 78 -22.16 -6.76 -1.00
C LYS A 78 -21.42 -7.93 -0.32
N HIS A 79 -21.98 -9.13 -0.46
CA HIS A 79 -21.43 -10.36 0.15
C HIS A 79 -21.37 -10.31 1.68
N SER A 80 -22.48 -9.92 2.31
CA SER A 80 -22.51 -9.70 3.77
C SER A 80 -22.83 -10.96 4.58
N SER A 81 -23.47 -11.94 3.97
CA SER A 81 -23.83 -13.18 4.66
C SER A 81 -22.63 -14.05 5.05
N LEU A 82 -21.64 -14.11 4.16
CA LEU A 82 -20.43 -14.88 4.43
C LEU A 82 -19.56 -14.22 5.50
N ASP A 83 -18.89 -15.04 6.30
N ASP A 83 -18.89 -15.04 6.30
CA ASP A 83 -17.91 -14.56 7.26
CA ASP A 83 -17.93 -14.55 7.28
C ASP A 83 -16.81 -13.80 6.52
C ASP A 83 -16.79 -13.84 6.55
N CYS A 84 -16.18 -12.86 7.21
CA CYS A 84 -15.09 -12.08 6.61
C CYS A 84 -13.96 -12.98 6.06
N VAL A 85 -13.57 -14.00 6.81
CA VAL A 85 -12.47 -14.87 6.43
C VAL A 85 -12.72 -15.65 5.13
N LEU A 86 -13.99 -15.91 4.83
CA LEU A 86 -14.37 -16.72 3.69
C LEU A 86 -14.90 -15.89 2.52
N ARG A 87 -15.07 -14.59 2.74
CA ARG A 87 -15.62 -13.70 1.74
C ARG A 87 -14.56 -13.36 0.68
N PRO A 88 -14.97 -13.35 -0.60
CA PRO A 88 -14.04 -12.93 -1.66
C PRO A 88 -13.62 -11.48 -1.47
N THR A 89 -12.37 -11.16 -1.78
CA THR A 89 -11.88 -9.78 -1.74
C THR A 89 -12.43 -8.98 -2.92
N GLU A 90 -12.55 -7.67 -2.75
CA GLU A 90 -13.09 -6.84 -3.82
C GLU A 90 -12.04 -6.03 -4.57
N GLY A 91 -11.00 -5.63 -3.86
CA GLY A 91 -9.94 -4.87 -4.52
C GLY A 91 -10.20 -3.39 -4.33
N TYR A 92 -9.18 -2.56 -4.47
CA TYR A 92 -9.41 -1.17 -4.16
C TYR A 92 -9.28 -0.33 -5.41
N LEU A 93 -9.77 0.89 -5.34
CA LEU A 93 -9.75 1.76 -6.49
C LEU A 93 -8.53 2.67 -6.43
N ALA A 94 -7.66 2.57 -7.42
CA ALA A 94 -6.57 3.51 -7.60
C ALA A 94 -7.12 4.81 -8.18
N VAL A 95 -6.88 5.93 -7.50
CA VAL A 95 -7.37 7.23 -7.98
C VAL A 95 -6.24 8.26 -8.07
N ALA A 96 -6.46 9.34 -8.83
CA ALA A 96 -5.58 10.50 -8.79
C ALA A 96 -6.37 11.64 -8.19
N VAL A 97 -5.81 12.28 -7.16
CA VAL A 97 -6.54 13.26 -6.37
C VAL A 97 -5.88 14.64 -6.48
N VAL A 98 -6.69 15.68 -6.68
CA VAL A 98 -6.18 17.06 -6.70
C VAL A 98 -7.00 17.95 -5.76
N LYS A 99 -6.50 19.16 -5.50
CA LYS A 99 -7.29 20.17 -4.80
C LYS A 99 -8.29 20.77 -5.76
N LYS A 100 -9.54 20.91 -5.32
CA LYS A 100 -10.55 21.64 -6.10
C LYS A 100 -10.07 23.02 -6.54
N ALA A 101 -9.35 23.70 -5.65
CA ALA A 101 -8.87 25.06 -5.87
C ALA A 101 -7.87 25.15 -7.01
N ASN A 102 -7.26 24.02 -7.36
CA ASN A 102 -6.35 23.92 -8.49
C ASN A 102 -7.17 23.70 -9.76
N GLU A 103 -7.85 24.73 -10.21
CA GLU A 103 -8.85 24.60 -11.28
C GLU A 103 -8.23 24.34 -12.64
N GLY A 104 -8.96 23.64 -13.49
CA GLY A 104 -8.42 23.35 -14.82
C GLY A 104 -7.21 22.43 -14.86
N LEU A 105 -6.84 21.85 -13.73
CA LEU A 105 -5.89 20.74 -13.72
C LEU A 105 -6.67 19.45 -13.99
N THR A 106 -6.35 18.76 -15.09
CA THR A 106 -7.04 17.53 -15.44
C THR A 106 -6.01 16.45 -15.76
N TRP A 107 -6.46 15.23 -16.03
CA TRP A 107 -5.56 14.17 -16.48
C TRP A 107 -4.67 14.61 -17.62
N ASN A 108 -5.24 15.38 -18.55
CA ASN A 108 -4.52 15.85 -19.74
C ASN A 108 -3.59 17.06 -19.57
N SER A 109 -3.50 17.64 -18.37
CA SER A 109 -2.54 18.72 -18.14
C SER A 109 -1.62 18.43 -16.96
N LEU A 110 -1.37 17.15 -16.72
CA LEU A 110 -0.50 16.71 -15.63
C LEU A 110 0.99 16.95 -15.91
N LYS A 111 1.38 16.95 -17.18
CA LYS A 111 2.78 17.16 -17.55
C LYS A 111 3.38 18.41 -16.91
N ASP A 112 4.58 18.25 -16.34
CA ASP A 112 5.30 19.33 -15.67
C ASP A 112 4.66 19.83 -14.38
N LYS A 113 3.65 19.13 -13.88
CA LYS A 113 3.15 19.40 -12.54
C LYS A 113 3.94 18.61 -11.49
N LYS A 114 3.60 18.80 -10.22
CA LYS A 114 4.25 18.16 -9.07
C LYS A 114 3.43 16.99 -8.52
N SER A 115 4.08 15.84 -8.32
CA SER A 115 3.35 14.63 -8.00
C SER A 115 3.73 14.01 -6.65
N CYS A 116 2.77 13.32 -6.05
CA CYS A 116 2.95 12.62 -4.77
C CYS A 116 2.58 11.14 -4.97
N HIS A 117 3.53 10.25 -4.71
CA HIS A 117 3.39 8.79 -4.93
C HIS A 117 3.64 8.06 -3.63
N THR A 118 2.93 6.95 -3.42
CA THR A 118 3.10 6.17 -2.20
C THR A 118 4.55 5.68 -2.05
N ALA A 119 5.09 5.12 -3.14
CA ALA A 119 6.45 4.60 -3.23
C ALA A 119 6.62 4.01 -4.63
N VAL A 120 7.85 4.02 -5.13
CA VAL A 120 8.18 3.31 -6.37
C VAL A 120 7.74 1.86 -6.23
N ASP A 121 7.22 1.30 -7.32
CA ASP A 121 6.86 -0.12 -7.38
C ASP A 121 5.54 -0.55 -6.74
N ARG A 122 4.78 0.42 -6.25
CA ARG A 122 3.51 0.13 -5.59
C ARG A 122 2.35 0.31 -6.56
N THR A 123 1.21 -0.34 -6.32
CA THR A 123 0.14 -0.36 -7.30
C THR A 123 -0.49 1.01 -7.63
N ALA A 124 -1.18 1.60 -6.66
CA ALA A 124 -1.87 2.88 -6.87
C ALA A 124 -0.87 4.02 -6.99
N GLY A 125 0.24 3.93 -6.27
CA GLY A 125 1.14 5.08 -6.23
C GLY A 125 2.08 5.19 -7.42
N TRP A 126 2.31 4.07 -8.09
CA TRP A 126 3.34 4.02 -9.13
C TRP A 126 2.97 3.22 -10.36
N ASN A 127 2.73 1.92 -10.21
CA ASN A 127 2.56 1.06 -11.38
C ASN A 127 1.39 1.43 -12.26
N ILE A 128 0.26 1.79 -11.66
CA ILE A 128 -0.93 2.10 -12.45
C ILE A 128 -0.71 3.45 -13.11
N PRO A 129 -0.43 4.51 -12.32
CA PRO A 129 -0.33 5.82 -12.96
C PRO A 129 0.85 5.96 -13.95
N MET A 130 2.03 5.41 -13.63
CA MET A 130 3.18 5.53 -14.54
C MET A 130 3.05 4.62 -15.76
N GLY A 131 2.38 3.48 -15.57
CA GLY A 131 2.02 2.60 -16.67
C GLY A 131 1.13 3.29 -17.69
N LEU A 132 0.07 3.95 -17.21
CA LEU A 132 -0.78 4.76 -18.07
C LEU A 132 -0.02 5.87 -18.77
N ILE A 133 0.86 6.56 -18.04
CA ILE A 133 1.61 7.68 -18.60
C ILE A 133 2.66 7.27 -19.64
N VAL A 134 3.33 6.15 -19.41
CA VAL A 134 4.21 5.59 -20.43
C VAL A 134 3.40 5.22 -21.68
N ASN A 135 2.29 4.52 -21.53
CA ASN A 135 1.48 4.12 -22.67
C ASN A 135 1.03 5.33 -23.47
N GLN A 136 0.53 6.33 -22.75
CA GLN A 136 0.06 7.57 -23.38
C GLN A 136 1.16 8.41 -24.04
N THR A 137 2.33 8.51 -23.44
CA THR A 137 3.39 9.32 -24.04
C THR A 137 4.26 8.56 -25.04
N GLY A 138 4.09 7.25 -25.09
CA GLY A 138 4.99 6.39 -25.84
C GLY A 138 6.45 6.65 -25.53
N SER A 139 6.77 6.86 -24.26
CA SER A 139 8.16 7.10 -23.87
C SER A 139 8.48 6.49 -22.50
N CYS A 140 9.71 6.02 -22.30
CA CYS A 140 10.09 5.41 -21.04
C CYS A 140 10.68 6.41 -20.07
N ALA A 141 10.65 7.68 -20.47
CA ALA A 141 11.16 8.75 -19.63
C ALA A 141 10.11 9.25 -18.61
N PHE A 142 9.53 8.33 -17.84
CA PHE A 142 8.57 8.72 -16.81
C PHE A 142 9.21 9.62 -15.75
N ASP A 143 10.54 9.60 -15.68
CA ASP A 143 11.29 10.44 -14.76
C ASP A 143 11.38 11.90 -15.20
N GLU A 144 10.91 12.19 -16.40
CA GLU A 144 10.91 13.57 -16.91
C GLU A 144 9.50 14.14 -17.09
N PHE A 145 8.49 13.34 -16.75
CA PHE A 145 7.11 13.76 -16.91
C PHE A 145 6.65 14.83 -15.93
N PHE A 146 6.84 14.59 -14.63
CA PHE A 146 6.52 15.58 -13.63
C PHE A 146 7.73 16.47 -13.38
N SER A 147 7.51 17.74 -13.06
CA SER A 147 8.64 18.62 -12.80
C SER A 147 9.38 18.17 -11.54
N GLN A 148 8.63 17.88 -10.47
CA GLN A 148 9.18 17.43 -9.20
C GLN A 148 8.22 16.43 -8.56
N SER A 149 8.74 15.45 -7.82
CA SER A 149 7.89 14.43 -7.20
C SER A 149 8.40 14.06 -5.81
N CYS A 150 7.54 13.41 -5.04
CA CYS A 150 8.02 12.56 -3.96
C CYS A 150 7.59 11.15 -4.30
N ALA A 151 8.57 10.32 -4.68
CA ALA A 151 8.33 8.91 -5.00
C ALA A 151 9.35 8.11 -4.20
N PRO A 152 9.01 7.77 -2.94
CA PRO A 152 9.94 7.07 -2.07
C PRO A 152 10.52 5.83 -2.74
N GLY A 153 11.84 5.68 -2.65
CA GLY A 153 12.51 4.59 -3.35
C GLY A 153 13.25 4.95 -4.62
N ALA A 154 13.05 6.17 -5.12
CA ALA A 154 13.83 6.63 -6.28
C ALA A 154 15.14 7.26 -5.80
N ASP A 155 15.98 7.70 -6.71
CA ASP A 155 17.29 8.27 -6.36
C ASP A 155 17.10 9.60 -5.63
N PRO A 156 17.57 9.69 -4.38
CA PRO A 156 17.40 10.90 -3.57
C PRO A 156 17.88 12.19 -4.23
N LYS A 157 18.83 12.11 -5.17
CA LYS A 157 19.33 13.28 -5.89
C LYS A 157 18.49 13.62 -7.11
N SER A 158 17.59 12.73 -7.50
CA SER A 158 16.71 12.98 -8.63
C SER A 158 15.49 13.83 -8.29
N ARG A 159 14.88 14.38 -9.34
CA ARG A 159 13.66 15.15 -9.18
C ARG A 159 12.48 14.33 -8.65
N LEU A 160 12.57 13.00 -8.78
CA LEU A 160 11.57 12.09 -8.22
C LEU A 160 11.58 12.06 -6.69
N CYS A 161 12.63 12.58 -6.07
CA CYS A 161 12.71 12.70 -4.61
C CYS A 161 12.73 14.14 -4.10
N ALA A 162 12.65 15.10 -5.03
CA ALA A 162 12.86 16.51 -4.69
C ALA A 162 11.84 17.01 -3.68
N LEU A 163 10.63 16.46 -3.71
CA LEU A 163 9.56 16.90 -2.81
C LEU A 163 9.47 16.10 -1.50
N CYS A 164 10.20 14.99 -1.40
CA CYS A 164 10.19 14.20 -0.15
C CYS A 164 10.91 14.95 0.96
N ALA A 165 10.50 14.73 2.20
CA ALA A 165 10.94 15.56 3.33
C ALA A 165 11.82 14.81 4.33
N GLY A 166 11.83 13.48 4.29
CA GLY A 166 12.58 12.73 5.27
C GLY A 166 11.89 12.73 6.62
N ASP A 167 12.66 12.52 7.67
CA ASP A 167 12.09 12.33 8.99
C ASP A 167 12.07 13.65 9.77
N ASP A 168 11.80 13.57 11.07
N ASP A 168 11.87 13.57 11.09
CA ASP A 168 11.82 14.74 11.95
CA ASP A 168 11.78 14.76 11.96
C ASP A 168 12.96 15.67 11.60
C ASP A 168 13.01 15.65 11.95
N GLN A 169 14.16 15.09 11.56
CA GLN A 169 15.40 15.84 11.43
C GLN A 169 15.88 16.02 9.98
N GLY A 170 15.04 15.65 9.02
CA GLY A 170 15.44 15.75 7.62
C GLY A 170 16.36 14.64 7.17
N LEU A 171 16.51 13.59 7.98
CA LEU A 171 17.30 12.43 7.57
C LEU A 171 16.40 11.47 6.80
N ASP A 172 17.00 10.56 6.03
CA ASP A 172 16.26 9.49 5.38
C ASP A 172 15.29 10.01 4.33
N LYS A 173 15.66 11.10 3.67
CA LYS A 173 14.84 11.69 2.61
C LYS A 173 14.63 10.63 1.54
N CYS A 174 13.36 10.39 1.24
CA CYS A 174 12.94 9.50 0.15
C CYS A 174 13.10 8.00 0.41
N VAL A 175 13.37 7.60 1.65
CA VAL A 175 13.44 6.17 1.97
C VAL A 175 12.02 5.60 1.85
N PRO A 176 11.90 4.39 1.29
CA PRO A 176 10.58 3.76 1.18
C PRO A 176 10.16 3.04 2.46
N ASN A 177 10.03 3.80 3.53
CA ASN A 177 9.45 3.34 4.77
C ASN A 177 8.85 4.56 5.47
N SER A 178 8.10 4.33 6.54
CA SER A 178 7.31 5.37 7.19
C SER A 178 8.11 6.44 7.90
N LYS A 179 9.43 6.28 8.04
CA LYS A 179 10.26 7.40 8.46
C LYS A 179 10.17 8.60 7.52
N GLU A 180 10.00 8.34 6.22
CA GLU A 180 9.76 9.41 5.24
C GLU A 180 8.36 10.01 5.45
N LYS A 181 8.30 11.31 5.72
CA LYS A 181 7.05 12.03 5.96
C LYS A 181 5.95 11.75 4.92
N TYR A 182 6.31 11.74 3.63
CA TYR A 182 5.33 11.55 2.56
C TYR A 182 5.28 10.13 1.97
N TYR A 183 5.66 9.14 2.77
CA TYR A 183 5.60 7.74 2.33
C TYR A 183 4.21 7.13 2.46
N GLY A 184 3.83 6.26 1.55
CA GLY A 184 2.62 5.46 1.74
C GLY A 184 1.34 6.17 1.34
N TYR A 185 0.22 5.49 1.50
CA TYR A 185 -1.06 6.12 1.18
C TYR A 185 -1.20 7.44 1.92
N THR A 186 -0.96 7.40 3.23
CA THR A 186 -1.22 8.54 4.10
C THR A 186 -0.23 9.66 3.79
N GLY A 187 1.05 9.29 3.66
CA GLY A 187 2.09 10.25 3.33
C GLY A 187 1.85 10.96 2.01
N ALA A 188 1.51 10.21 0.97
CA ALA A 188 1.24 10.78 -0.36
C ALA A 188 0.01 11.71 -0.30
N PHE A 189 -1.02 11.33 0.46
CA PHE A 189 -2.16 12.23 0.57
C PHE A 189 -1.81 13.52 1.33
N ARG A 190 -0.94 13.41 2.33
CA ARG A 190 -0.46 14.55 3.11
C ARG A 190 0.36 15.51 2.26
N CYS A 191 1.14 14.94 1.34
CA CYS A 191 1.91 15.70 0.35
C CYS A 191 0.99 16.60 -0.49
N LEU A 192 -0.21 16.12 -0.81
CA LEU A 192 -1.14 16.92 -1.57
C LEU A 192 -1.80 17.95 -0.65
N ALA A 193 -2.30 17.47 0.49
CA ALA A 193 -3.04 18.27 1.44
C ALA A 193 -2.26 19.52 1.84
N GLU A 194 -0.94 19.38 1.96
CA GLU A 194 -0.05 20.48 2.30
C GLU A 194 0.42 21.28 1.09
N ASP A 195 -0.10 20.94 -0.08
CA ASP A 195 0.21 21.70 -1.29
C ASP A 195 1.69 21.63 -1.64
N VAL A 196 2.32 20.51 -1.31
CA VAL A 196 3.66 20.23 -1.77
C VAL A 196 3.54 19.73 -3.21
N GLY A 197 2.58 18.85 -3.46
CA GLY A 197 2.39 18.38 -4.83
C GLY A 197 1.07 18.85 -5.36
N ASP A 198 0.87 18.76 -6.67
CA ASP A 198 -0.41 19.06 -7.32
C ASP A 198 -1.40 17.90 -7.38
N VAL A 199 -0.84 16.68 -7.35
CA VAL A 199 -1.62 15.45 -7.48
C VAL A 199 -1.04 14.34 -6.61
N ALA A 200 -1.91 13.54 -6.01
CA ALA A 200 -1.50 12.37 -5.25
C ALA A 200 -2.13 11.13 -5.89
N PHE A 201 -1.32 10.09 -6.00
CA PHE A 201 -1.79 8.83 -6.55
C PHE A 201 -1.91 7.87 -5.37
N VAL A 202 -3.16 7.70 -4.93
CA VAL A 202 -3.47 6.89 -3.76
C VAL A 202 -4.66 6.01 -4.12
N LYS A 203 -5.39 5.55 -3.12
CA LYS A 203 -6.59 4.77 -3.37
C LYS A 203 -7.79 5.55 -2.83
N ASN A 204 -8.98 5.17 -3.29
CA ASN A 204 -10.22 5.82 -2.85
C ASN A 204 -10.30 6.01 -1.34
N ASP A 205 -10.04 4.94 -0.60
CA ASP A 205 -10.25 4.94 0.84
C ASP A 205 -9.45 5.99 1.61
N THR A 206 -8.26 6.29 1.09
CA THR A 206 -7.33 7.21 1.74
C THR A 206 -7.95 8.59 1.93
N VAL A 207 -8.61 9.09 0.89
CA VAL A 207 -9.30 10.37 0.91
C VAL A 207 -10.37 10.43 1.99
N TRP A 208 -11.22 9.40 2.05
CA TRP A 208 -12.30 9.34 3.03
C TRP A 208 -11.76 9.25 4.45
N GLU A 209 -10.67 8.51 4.61
CA GLU A 209 -10.12 8.22 5.93
C GLU A 209 -9.37 9.38 6.53
N ASN A 210 -9.03 10.36 5.71
CA ASN A 210 -8.24 11.50 6.19
C ASN A 210 -8.91 12.85 6.05
N THR A 211 -10.24 12.85 5.95
CA THR A 211 -11.01 14.07 5.78
C THR A 211 -12.25 14.06 6.66
N ASN A 212 -12.89 15.23 6.80
CA ASN A 212 -14.14 15.40 7.54
C ASN A 212 -14.07 14.88 8.96
N GLY A 213 -12.93 15.08 9.62
CA GLY A 213 -12.72 14.65 11.00
C GLY A 213 -12.43 13.17 11.21
N GLU A 214 -12.19 12.42 10.14
CA GLU A 214 -11.92 10.99 10.31
C GLU A 214 -10.52 10.73 10.90
N SER A 215 -9.61 11.68 10.74
CA SER A 215 -8.22 11.44 11.17
C SER A 215 -7.75 12.05 12.50
N THR A 216 -8.14 13.28 12.81
CA THR A 216 -7.62 13.97 14.01
C THR A 216 -6.11 14.24 14.05
N ALA A 217 -5.34 13.73 13.08
CA ALA A 217 -3.94 14.15 12.93
C ALA A 217 -3.91 15.62 12.57
N ASP A 218 -2.93 16.34 13.13
CA ASP A 218 -2.86 17.79 13.03
C ASP A 218 -2.97 18.31 11.59
N TRP A 219 -2.35 17.58 10.65
CA TRP A 219 -2.40 18.00 9.26
C TRP A 219 -3.76 17.72 8.62
N ALA A 220 -4.48 16.72 9.13
CA ALA A 220 -5.73 16.25 8.51
C ALA A 220 -7.02 16.77 9.15
N LYS A 221 -6.91 17.22 10.40
CA LYS A 221 -7.97 17.88 11.17
C LYS A 221 -9.02 18.69 10.39
N ASN A 222 -8.53 19.60 9.55
CA ASN A 222 -9.41 20.55 8.88
C ASN A 222 -9.67 20.25 7.42
N LEU A 223 -9.29 19.06 6.98
CA LEU A 223 -9.50 18.68 5.59
C LEU A 223 -10.95 18.28 5.35
N LYS A 224 -11.54 18.87 4.31
CA LYS A 224 -12.92 18.64 3.92
C LYS A 224 -12.90 17.91 2.57
N ARG A 225 -13.65 16.82 2.46
CA ARG A 225 -13.84 16.09 1.20
C ARG A 225 -14.15 16.95 -0.02
N GLU A 226 -14.98 17.98 0.17
CA GLU A 226 -15.40 18.80 -0.96
C GLU A 226 -14.25 19.64 -1.52
N ASP A 227 -13.16 19.77 -0.75
CA ASP A 227 -12.01 20.52 -1.21
C ASP A 227 -11.11 19.71 -2.15
N PHE A 228 -11.54 18.48 -2.46
CA PHE A 228 -10.80 17.60 -3.33
C PHE A 228 -11.60 17.12 -4.53
N ARG A 229 -10.88 16.87 -5.63
CA ARG A 229 -11.44 16.28 -6.84
C ARG A 229 -10.60 15.10 -7.33
N LEU A 230 -11.29 14.12 -7.90
CA LEU A 230 -10.67 13.01 -8.61
C LEU A 230 -10.46 13.34 -10.08
N LEU A 231 -9.30 12.97 -10.61
CA LEU A 231 -9.07 13.06 -12.04
C LEU A 231 -9.46 11.77 -12.75
N CYS A 232 -10.36 11.89 -13.72
CA CYS A 232 -10.83 10.76 -14.53
C CYS A 232 -10.04 10.68 -15.82
N LEU A 233 -9.99 9.48 -16.38
CA LEU A 233 -9.18 9.25 -17.57
C LEU A 233 -9.72 9.98 -18.79
N ASP A 234 -11.02 10.31 -18.78
CA ASP A 234 -11.62 11.04 -19.89
C ASP A 234 -11.44 12.56 -19.84
N GLY A 235 -10.56 13.07 -18.97
CA GLY A 235 -10.29 14.50 -18.92
C GLY A 235 -11.19 15.27 -17.98
N THR A 236 -12.12 14.57 -17.34
CA THR A 236 -13.10 15.16 -16.43
C THR A 236 -12.58 15.23 -14.99
N ARG A 237 -13.25 15.99 -14.14
CA ARG A 237 -12.94 16.05 -12.71
C ARG A 237 -14.22 15.76 -11.95
N LYS A 238 -14.16 14.88 -10.96
CA LYS A 238 -15.36 14.52 -10.23
C LYS A 238 -15.17 14.62 -8.72
N PRO A 239 -16.28 14.80 -7.98
CA PRO A 239 -16.26 14.65 -6.52
C PRO A 239 -15.77 13.27 -6.10
N VAL A 240 -15.27 13.20 -4.88
CA VAL A 240 -14.66 11.98 -4.37
C VAL A 240 -15.73 10.94 -4.08
N THR A 241 -16.99 11.34 -4.19
CA THR A 241 -18.10 10.40 -4.04
C THR A 241 -18.28 9.56 -5.29
N GLU A 242 -17.62 9.94 -6.38
CA GLU A 242 -17.82 9.33 -7.69
C GLU A 242 -16.69 8.40 -8.10
N ALA A 243 -15.95 7.84 -7.14
CA ALA A 243 -14.80 7.00 -7.45
C ALA A 243 -15.14 5.79 -8.32
N GLN A 244 -16.36 5.28 -8.18
N GLN A 244 -16.35 5.27 -8.18
CA GLN A 244 -16.79 4.12 -8.95
CA GLN A 244 -16.77 4.10 -8.96
C GLN A 244 -16.78 4.42 -10.45
C GLN A 244 -16.78 4.42 -10.46
N SER A 245 -16.98 5.69 -10.81
CA SER A 245 -16.94 6.07 -12.23
C SER A 245 -15.71 6.90 -12.65
N CYS A 246 -14.77 7.08 -11.73
CA CYS A 246 -13.61 7.92 -11.99
C CYS A 246 -12.35 7.43 -11.24
N HIS A 247 -11.88 6.25 -11.62
CA HIS A 247 -10.65 5.67 -11.07
C HIS A 247 -9.71 5.27 -12.21
N LEU A 248 -8.45 4.98 -11.88
CA LEU A 248 -7.47 4.61 -12.91
C LEU A 248 -7.44 3.11 -13.14
N ALA A 249 -7.77 2.34 -12.10
CA ALA A 249 -7.86 0.88 -12.19
C ALA A 249 -8.43 0.36 -10.88
N VAL A 250 -8.84 -0.90 -10.85
CA VAL A 250 -9.04 -1.58 -9.58
C VAL A 250 -7.81 -2.43 -9.24
N ALA A 251 -7.36 -2.35 -7.99
CA ALA A 251 -6.13 -3.00 -7.56
C ALA A 251 -6.41 -4.25 -6.72
N PRO A 252 -5.58 -5.29 -6.85
CA PRO A 252 -5.70 -6.42 -5.93
C PRO A 252 -5.32 -6.04 -4.50
N ASN A 253 -6.07 -6.56 -3.53
CA ASN A 253 -5.78 -6.22 -2.15
C ASN A 253 -4.34 -6.59 -1.74
N HIS A 254 -3.80 -5.85 -0.78
CA HIS A 254 -2.57 -6.26 -0.11
C HIS A 254 -2.81 -7.65 0.49
N ALA A 255 -1.74 -8.43 0.58
CA ALA A 255 -1.81 -9.84 0.95
C ALA A 255 -0.51 -10.24 1.65
N VAL A 256 -0.64 -11.12 2.64
CA VAL A 256 0.50 -11.73 3.30
C VAL A 256 1.18 -12.69 2.33
N VAL A 257 2.50 -12.61 2.24
CA VAL A 257 3.23 -13.58 1.44
C VAL A 257 4.26 -14.33 2.29
N SER A 258 4.61 -15.53 1.84
CA SER A 258 5.66 -16.28 2.48
C SER A 258 6.32 -17.20 1.45
N ARG A 259 7.44 -17.79 1.86
CA ARG A 259 8.01 -18.88 1.09
C ARG A 259 6.99 -20.01 1.01
N SER A 260 6.87 -20.60 -0.17
N SER A 260 6.86 -20.60 -0.17
CA SER A 260 5.90 -21.67 -0.41
CA SER A 260 5.87 -21.66 -0.36
C SER A 260 5.98 -22.78 0.63
C SER A 260 5.98 -22.77 0.68
N ASP A 261 7.19 -23.15 1.01
CA ASP A 261 7.40 -24.24 1.98
C ASP A 261 6.96 -23.88 3.41
N ARG A 262 6.65 -22.61 3.63
CA ARG A 262 6.23 -22.15 4.95
C ARG A 262 4.76 -21.74 4.97
N ALA A 263 4.13 -21.69 3.80
CA ALA A 263 2.80 -21.08 3.63
C ALA A 263 1.77 -21.63 4.60
N ALA A 264 1.73 -22.95 4.76
CA ALA A 264 0.67 -23.60 5.53
C ALA A 264 0.78 -23.25 7.00
N HIS A 265 2.02 -23.16 7.47
CA HIS A 265 2.29 -22.86 8.86
C HIS A 265 2.01 -21.40 9.18
N VAL A 266 2.39 -20.50 8.29
CA VAL A 266 2.12 -19.07 8.46
C VAL A 266 0.61 -18.82 8.52
N GLU A 267 -0.12 -19.47 7.63
CA GLU A 267 -1.58 -19.36 7.56
C GLU A 267 -2.30 -19.76 8.85
N GLN A 268 -1.99 -20.94 9.37
CA GLN A 268 -2.55 -21.40 10.63
C GLN A 268 -2.29 -20.44 11.80
N VAL A 269 -1.04 -19.98 11.93
CA VAL A 269 -0.70 -19.05 13.00
C VAL A 269 -1.48 -17.73 12.86
N LEU A 270 -1.54 -17.18 11.66
CA LEU A 270 -2.20 -15.90 11.42
C LEU A 270 -3.70 -15.92 11.70
N LEU A 271 -4.36 -17.00 11.29
CA LEU A 271 -5.77 -17.21 11.61
C LEU A 271 -6.05 -17.22 13.12
N HIS A 272 -5.18 -17.84 13.91
CA HIS A 272 -5.30 -17.80 15.36
C HIS A 272 -4.95 -16.42 15.92
N GLN A 273 -3.93 -15.78 15.36
CA GLN A 273 -3.58 -14.42 15.78
C GLN A 273 -4.70 -13.40 15.57
N GLN A 274 -5.48 -13.55 14.49
CA GLN A 274 -6.55 -12.61 14.23
C GLN A 274 -7.81 -12.87 15.07
N ALA A 275 -8.02 -14.11 15.47
CA ALA A 275 -9.08 -14.46 16.41
C ALA A 275 -8.82 -13.78 17.76
N LEU A 276 -7.56 -13.53 18.07
CA LEU A 276 -7.14 -12.86 19.29
C LEU A 276 -7.10 -11.33 19.17
N PHE A 277 -6.55 -10.83 18.07
CA PHE A 277 -6.23 -9.41 17.94
C PHE A 277 -6.90 -8.71 16.76
N GLY A 278 -7.66 -9.45 15.96
CA GLY A 278 -8.43 -8.87 14.87
C GLY A 278 -9.60 -8.01 15.31
N LYS A 279 -10.50 -7.72 14.38
CA LYS A 279 -11.59 -6.75 14.58
C LYS A 279 -12.47 -6.93 15.81
N ASN A 280 -13.02 -8.13 16.03
CA ASN A 280 -13.70 -8.35 17.31
C ASN A 280 -12.97 -9.44 18.10
N GLY A 281 -11.65 -9.48 17.98
CA GLY A 281 -10.85 -10.48 18.65
C GLY A 281 -10.95 -10.41 20.15
N LYS A 282 -10.67 -11.55 20.79
CA LYS A 282 -10.70 -11.72 22.24
C LYS A 282 -10.02 -10.56 22.96
N ASN A 283 -8.88 -10.13 22.43
CA ASN A 283 -7.99 -9.25 23.15
C ASN A 283 -7.82 -7.88 22.53
N CYS A 284 -8.62 -7.58 21.52
CA CYS A 284 -8.30 -6.42 20.73
C CYS A 284 -8.56 -5.16 21.55
N PRO A 285 -9.81 -4.68 21.59
CA PRO A 285 -9.85 -3.31 22.07
C PRO A 285 -9.00 -3.17 23.34
N ASP A 286 -9.07 -4.21 24.17
CA ASP A 286 -8.53 -4.22 25.54
C ASP A 286 -7.01 -4.25 25.63
N LYS A 287 -6.38 -5.23 25.00
CA LYS A 287 -4.92 -5.36 25.08
C LYS A 287 -4.20 -4.88 23.82
N PHE A 288 -4.55 -5.46 22.66
CA PHE A 288 -3.83 -5.15 21.43
C PHE A 288 -4.67 -5.44 20.19
N CYS A 289 -4.68 -4.49 19.25
CA CYS A 289 -5.36 -4.66 17.96
C CYS A 289 -4.36 -4.64 16.81
N LEU A 290 -4.24 -5.78 16.13
CA LEU A 290 -3.44 -5.92 14.91
C LEU A 290 -3.72 -4.90 13.82
N PHE A 291 -4.98 -4.48 13.67
CA PHE A 291 -5.33 -3.68 12.51
C PHE A 291 -5.51 -2.20 12.84
N LYS A 292 -4.96 -1.76 13.96
CA LYS A 292 -4.91 -0.34 14.30
C LYS A 292 -3.47 0.14 14.47
N SER A 293 -3.25 1.41 14.11
CA SER A 293 -2.00 2.14 14.33
C SER A 293 -2.18 3.65 14.05
N GLU A 294 -3.25 4.25 14.55
N GLU A 294 -3.30 4.19 14.50
CA GLU A 294 -3.50 5.68 14.30
CA GLU A 294 -3.65 5.60 14.32
C GLU A 294 -3.29 6.12 12.85
C GLU A 294 -3.38 6.15 12.91
N THR A 295 -4.05 5.58 11.91
CA THR A 295 -4.04 6.06 10.50
C THR A 295 -2.73 5.88 9.73
N LYS A 296 -1.78 5.16 10.33
CA LYS A 296 -0.43 5.05 9.81
C LYS A 296 -0.21 3.77 9.01
N ASN A 297 -1.21 2.89 9.04
CA ASN A 297 -1.21 1.67 8.26
C ASN A 297 0.07 0.87 8.49
N LEU A 298 0.36 0.53 9.75
CA LEU A 298 1.60 -0.17 10.11
C LEU A 298 1.34 -1.67 10.08
N LEU A 299 2.16 -2.42 9.35
CA LEU A 299 2.01 -3.86 9.09
C LEU A 299 0.82 -4.25 8.22
N PHE A 300 -0.34 -3.69 8.55
CA PHE A 300 -1.59 -3.90 7.83
C PHE A 300 -2.25 -2.54 7.62
N ASN A 301 -3.12 -2.42 6.62
CA ASN A 301 -3.96 -1.24 6.48
C ASN A 301 -4.92 -1.16 7.65
N ASP A 302 -5.08 0.04 8.20
CA ASP A 302 -5.98 0.27 9.33
C ASP A 302 -7.44 -0.05 9.02
N ASN A 303 -7.83 -0.03 7.76
CA ASN A 303 -9.23 -0.36 7.44
C ASN A 303 -9.51 -1.85 7.25
N THR A 304 -8.51 -2.70 7.52
CA THR A 304 -8.66 -4.14 7.39
C THR A 304 -9.67 -4.69 8.39
N GLU A 305 -10.67 -5.40 7.87
CA GLU A 305 -11.64 -6.04 8.72
C GLU A 305 -11.09 -7.40 9.17
N CYS A 306 -10.48 -8.14 8.25
CA CYS A 306 -9.85 -9.43 8.58
C CYS A 306 -8.87 -9.79 7.48
N LEU A 307 -8.07 -10.83 7.73
CA LEU A 307 -7.35 -11.51 6.67
C LEU A 307 -8.20 -12.68 6.17
N ALA A 308 -8.35 -12.78 4.86
CA ALA A 308 -9.23 -13.75 4.23
C ALA A 308 -8.45 -14.88 3.55
N LYS A 309 -9.01 -16.08 3.56
CA LYS A 309 -8.47 -17.21 2.81
C LYS A 309 -8.63 -16.94 1.33
N LEU A 310 -7.77 -17.54 0.52
CA LEU A 310 -7.79 -17.23 -0.90
C LEU A 310 -8.74 -18.10 -1.72
N GLY A 311 -8.53 -19.41 -1.77
CA GLY A 311 -9.52 -20.23 -2.48
C GLY A 311 -9.29 -20.21 -3.97
N GLY A 312 -9.11 -21.40 -4.53
CA GLY A 312 -8.56 -21.58 -5.86
C GLY A 312 -7.06 -21.63 -5.69
N ARG A 313 -6.61 -21.79 -4.45
CA ARG A 313 -5.19 -21.73 -4.08
C ARG A 313 -4.37 -21.05 -5.18
N PRO A 314 -4.53 -19.72 -5.33
CA PRO A 314 -3.94 -19.11 -6.51
C PRO A 314 -2.43 -18.95 -6.45
N THR A 315 -1.80 -18.95 -7.62
CA THR A 315 -0.42 -18.51 -7.75
C THR A 315 -0.40 -16.99 -7.65
N TYR A 316 0.80 -16.40 -7.64
CA TYR A 316 0.88 -14.96 -7.54
C TYR A 316 0.27 -14.28 -8.77
N GLU A 317 0.34 -14.96 -9.91
CA GLU A 317 -0.16 -14.42 -11.18
C GLU A 317 -1.67 -14.44 -11.24
N GLU A 318 -2.24 -15.54 -10.76
CA GLU A 318 -3.69 -15.66 -10.59
C GLU A 318 -4.18 -14.69 -9.53
N TYR A 319 -3.40 -14.48 -8.47
CA TYR A 319 -3.85 -13.56 -7.43
C TYR A 319 -3.92 -12.13 -7.97
N LEU A 320 -2.92 -11.74 -8.74
CA LEU A 320 -2.84 -10.37 -9.19
C LEU A 320 -3.78 -10.11 -10.37
N GLY A 321 -4.02 -11.17 -11.16
CA GLY A 321 -4.82 -11.10 -12.38
C GLY A 321 -4.02 -10.79 -13.62
N THR A 322 -4.39 -11.39 -14.75
CA THR A 322 -3.67 -11.17 -16.01
C THR A 322 -3.67 -9.71 -16.45
N GLU A 323 -4.81 -9.04 -16.24
CA GLU A 323 -4.94 -7.59 -16.32
C GLU A 323 -3.77 -6.80 -15.70
N TYR A 324 -3.58 -6.97 -14.39
CA TYR A 324 -2.55 -6.22 -13.68
C TYR A 324 -1.14 -6.71 -14.05
N VAL A 325 -0.98 -8.02 -14.18
CA VAL A 325 0.34 -8.59 -14.44
C VAL A 325 0.96 -8.09 -15.76
N THR A 326 0.13 -7.81 -16.76
CA THR A 326 0.70 -7.38 -18.03
C THR A 326 1.03 -5.90 -18.01
N ALA A 327 0.21 -5.11 -17.33
CA ALA A 327 0.54 -3.73 -17.02
C ALA A 327 1.94 -3.60 -16.43
N ILE A 328 2.23 -4.35 -15.36
CA ILE A 328 3.54 -4.29 -14.72
C ILE A 328 4.68 -4.71 -15.63
N ALA A 329 4.50 -5.82 -16.34
CA ALA A 329 5.53 -6.35 -17.24
C ALA A 329 5.90 -5.32 -18.29
N ASN A 330 4.89 -4.70 -18.89
CA ASN A 330 5.08 -3.64 -19.88
C ASN A 330 5.85 -2.42 -19.37
N LEU A 331 5.48 -1.95 -18.16
CA LEU A 331 6.19 -0.82 -17.55
C LEU A 331 7.63 -1.21 -17.18
N LYS A 332 7.83 -2.46 -16.79
CA LYS A 332 9.14 -2.93 -16.34
C LYS A 332 10.18 -2.96 -17.47
N LYS A 333 9.70 -3.01 -18.71
CA LYS A 333 10.56 -2.90 -19.90
C LYS A 333 11.31 -1.57 -19.98
N CYS A 334 10.79 -0.53 -19.35
CA CYS A 334 11.47 0.76 -19.30
C CYS A 334 12.66 0.80 -18.34
N SER A 335 12.58 0.06 -17.25
CA SER A 335 13.66 -0.01 -16.26
C SER A 335 14.57 -1.21 -16.51
N LEU A 340 12.88 -11.85 -19.81
CA LEU A 340 11.98 -10.89 -19.19
C LEU A 340 11.31 -11.47 -17.94
N GLU A 341 12.17 -12.03 -17.09
CA GLU A 341 11.81 -12.88 -15.97
C GLU A 341 13.13 -13.38 -15.36
N ALA A 342 13.26 -13.26 -14.05
CA ALA A 342 13.80 -14.31 -13.19
C ALA A 342 13.73 -13.62 -11.86
N CYS A 343 14.20 -14.21 -10.77
CA CYS A 343 14.32 -13.27 -9.64
C CYS A 343 15.34 -12.12 -9.57
N ALA A 344 14.86 -10.94 -9.17
CA ALA A 344 15.62 -9.69 -9.24
C ALA A 344 16.67 -9.47 -8.15
N PHE A 345 17.00 -10.53 -7.41
CA PHE A 345 18.08 -10.46 -6.42
C PHE A 345 19.13 -11.54 -6.69
C1 NAG B . -0.04 -0.30 -21.79
C2 NAG B . -1.07 -0.98 -20.88
C3 NAG B . -0.97 -2.50 -21.02
C4 NAG B . -0.99 -2.90 -22.50
C5 NAG B . 0.06 -2.12 -23.28
C6 NAG B . 0.10 -2.46 -24.77
C7 NAG B . -1.82 0.04 -18.80
C8 NAG B . -1.47 0.49 -17.41
N2 NAG B . -0.86 -0.56 -19.52
O3 NAG B . -2.03 -3.12 -20.34
O4 NAG B . -0.71 -4.28 -22.61
O5 NAG B . -0.22 -0.75 -23.12
O6 NAG B . -1.20 -2.51 -25.30
O7 NAG B . -2.95 0.25 -19.23
C1 NAG B . -1.78 -4.95 -23.31
C2 NAG B . -1.25 -6.30 -23.81
C3 NAG B . -2.36 -7.21 -24.32
C4 NAG B . -3.60 -7.19 -23.43
C5 NAG B . -4.00 -5.75 -23.14
C6 NAG B . -5.24 -5.63 -22.24
C7 NAG B . 0.98 -6.48 -24.76
C8 NAG B . 1.88 -6.21 -25.94
N2 NAG B . -0.29 -6.10 -24.87
O3 NAG B . -1.85 -8.53 -24.41
O4 NAG B . -4.64 -7.93 -24.04
O5 NAG B . -2.93 -5.09 -22.50
O6 NAG B . -4.96 -6.12 -20.96
O7 NAG B . 1.44 -7.02 -23.74
C1 MAN B . -5.11 -8.97 -23.16
C2 MAN B . -4.12 -10.11 -22.94
C3 MAN B . -4.05 -11.05 -24.14
C4 MAN B . -5.42 -11.43 -24.68
C5 MAN B . -6.35 -10.21 -24.76
C6 MAN B . -7.79 -10.57 -25.12
O2 MAN B . -4.43 -10.83 -21.77
O3 MAN B . -3.34 -12.22 -23.79
O4 MAN B . -5.25 -11.99 -25.97
O5 MAN B . -6.37 -9.47 -23.55
O6 MAN B . -8.28 -11.64 -24.33
C1 BMA B . -5.40 -13.41 -25.96
C2 BMA B . -5.73 -13.89 -27.37
C3 BMA B . -5.83 -15.41 -27.45
C4 BMA B . -4.64 -16.08 -26.75
C5 BMA B . -4.45 -15.50 -25.35
C6 BMA B . -3.25 -16.12 -24.63
O2 BMA B . -4.75 -13.45 -28.28
O3 BMA B . -5.90 -15.81 -28.79
O4 BMA B . -4.84 -17.47 -26.67
O5 BMA B . -4.27 -14.10 -25.45
O6 BMA B . -3.71 -16.90 -23.52
C1 MAN B . -9.12 -11.14 -23.27
C2 MAN B . -9.27 -12.20 -22.18
C3 MAN B . -10.48 -13.11 -22.37
C4 MAN B . -11.71 -12.30 -22.76
C5 MAN B . -11.37 -11.52 -24.02
C6 MAN B . -12.58 -10.82 -24.65
O2 MAN B . -9.33 -11.54 -20.94
O3 MAN B . -10.77 -13.85 -21.20
O4 MAN B . -12.83 -13.14 -22.95
O5 MAN B . -10.35 -10.58 -23.71
O6 MAN B . -13.26 -10.04 -23.68
C1 NAG C . 0.79 -19.66 21.23
C2 NAG C . -0.60 -19.26 21.71
C3 NAG C . -1.28 -20.40 22.46
C4 NAG C . -1.18 -21.73 21.73
C5 NAG C . 0.17 -21.96 21.03
C6 NAG C . 0.06 -23.04 19.95
C7 NAG C . -0.94 -16.86 22.12
C8 NAG C . -1.07 -15.79 23.17
N2 NAG C . -0.58 -18.07 22.55
O3 NAG C . -2.64 -20.07 22.60
O4 NAG C . -1.46 -22.81 22.62
O5 NAG C . 0.65 -20.78 20.39
O6 NAG C . -1.10 -22.82 19.16
O7 NAG C . -1.15 -16.58 20.93
C1 NAG C . -2.76 -23.34 22.29
C2 NAG C . -2.93 -24.69 23.00
C3 NAG C . -4.30 -25.29 22.69
C4 NAG C . -5.38 -24.28 23.08
C5 NAG C . -5.13 -23.01 22.27
C6 NAG C . -6.18 -21.92 22.53
C7 NAG C . -1.29 -25.88 21.54
C8 NAG C . -2.14 -26.14 20.33
N2 NAG C . -1.88 -25.65 22.71
O3 NAG C . -4.49 -26.50 23.38
O4 NAG C . -6.67 -24.81 22.86
O5 NAG C . -3.85 -22.49 22.60
O6 NAG C . -5.98 -21.36 23.81
O7 NAG C . -0.05 -25.89 21.45
C1 NAG D . -14.22 4.75 -0.92
C2 NAG D . -15.41 3.80 -1.12
C3 NAG D . -16.46 3.99 -0.03
C4 NAG D . -15.86 3.91 1.38
C5 NAG D . -14.63 4.81 1.45
C6 NAG D . -13.85 4.63 2.75
C7 NAG D . -16.04 3.15 -3.36
C8 NAG D . -16.61 3.58 -4.68
N2 NAG D . -16.07 4.04 -2.37
O3 NAG D . -17.48 3.04 -0.23
O4 NAG D . -16.85 4.35 2.29
O5 NAG D . -13.73 4.54 0.39
O6 NAG D . -13.39 3.30 2.79
O7 NAG D . -15.55 2.03 -3.21
C1 NAG D . -17.14 3.39 3.31
C2 NAG D . -17.48 4.13 4.61
C3 NAG D . -17.96 3.18 5.71
C4 NAG D . -18.96 2.14 5.20
C5 NAG D . -18.51 1.52 3.88
C6 NAG D . -19.62 0.62 3.32
C7 NAG D . -16.31 6.17 5.39
C8 NAG D . -15.18 6.64 6.27
N2 NAG D . -16.32 4.86 5.11
O3 NAG D . -18.58 3.91 6.74
O4 NAG D . -19.04 1.13 6.19
O5 NAG D . -18.18 2.52 2.95
O6 NAG D . -19.22 0.08 2.09
O7 NAG D . -17.12 6.99 4.96
C1 BMA D . -20.38 0.96 6.71
C2 BMA D . -20.31 -0.08 7.82
C3 BMA D . -21.67 -0.34 8.45
C4 BMA D . -22.36 0.98 8.81
C5 BMA D . -22.30 1.94 7.63
C6 BMA D . -22.96 3.29 7.95
O2 BMA D . -19.43 0.37 8.83
O3 BMA D . -21.48 -1.14 9.61
O4 BMA D . -23.67 0.86 9.33
O5 BMA D . -20.96 2.14 7.22
O6 BMA D . -22.23 4.00 8.93
C1 BMA D . -24.52 -0.19 8.82
C2 BMA D . -25.51 0.32 7.77
C3 BMA D . -26.37 -0.80 7.21
C4 BMA D . -25.50 -2.00 6.84
C5 BMA D . -24.80 -2.44 8.13
C6 BMA D . -24.14 -3.82 8.07
O2 BMA D . -24.85 0.98 6.71
O3 BMA D . -27.14 -0.35 6.12
O4 BMA D . -26.24 -3.03 6.23
O5 BMA D . -23.88 -1.41 8.45
O6 BMA D . -23.17 -3.90 7.05
C1 MAN D . -25.72 -3.31 4.90
C2 MAN D . -25.77 -2.09 3.99
C3 MAN D . -26.63 -2.29 2.75
C4 MAN D . -27.93 -3.06 3.02
C5 MAN D . -27.72 -4.21 4.02
C6 MAN D . -28.33 -5.51 3.51
O2 MAN D . -24.44 -1.75 3.60
O3 MAN D . -25.88 -2.95 1.74
O4 MAN D . -28.93 -2.18 3.50
O5 MAN D . -26.35 -4.41 4.29
O6 MAN D . -28.79 -6.29 4.61
C1 BMA D . -29.98 -1.99 2.53
C2 BMA D . -31.10 -3.03 2.75
C3 BMA D . -32.43 -2.68 2.09
C4 BMA D . -32.74 -1.18 2.21
C5 BMA D . -31.54 -0.39 1.69
C6 BMA D . -31.81 1.12 1.58
O2 BMA D . -31.28 -3.27 4.14
O3 BMA D . -33.48 -3.44 2.67
O4 BMA D . -33.92 -0.87 1.50
O5 BMA D . -30.45 -0.65 2.54
O6 BMA D . -32.73 1.56 2.57
C1 FUC E . -9.40 -8.19 -6.13
C2 FUC E . -9.27 -8.41 -7.64
C3 FUC E . -7.83 -8.74 -8.02
C4 FUC E . -7.24 -9.85 -7.15
C5 FUC E . -7.43 -9.59 -5.67
C6 FUC E . -7.11 -10.89 -4.94
O1 FUC E . -8.68 -6.96 -5.91
O2 FUC E . -9.73 -7.22 -8.30
O3 FUC E . -7.71 -9.10 -9.41
O4 FUC E . -7.84 -11.12 -7.44
O5 FUC E . -8.77 -9.20 -5.33
FE FE F . -1.53 -0.69 -2.47
C CO3 G . -0.24 1.24 -3.26
O1 CO3 G . 0.09 0.72 -2.11
O2 CO3 G . -1.18 0.69 -3.95
O3 CO3 G . 0.35 2.30 -3.72
ZN ZN H . -4.82 -21.84 -10.09
ZN ZN I . -13.08 0.41 -13.58
S SO4 J . -14.56 21.37 -10.40
O1 SO4 J . -14.73 19.95 -10.20
O2 SO4 J . -14.38 21.63 -11.82
O3 SO4 J . -15.73 22.06 -9.89
O4 SO4 J . -13.39 21.87 -9.68
#